data_2L96
#
_entry.id   2L96
#
_cell.length_a   1.000
_cell.length_b   1.000
_cell.length_c   1.000
_cell.angle_alpha   90.00
_cell.angle_beta   90.00
_cell.angle_gamma   90.00
#
_symmetry.space_group_name_H-M   'P 1'
#
_entity_poly.entity_id   1
_entity_poly.type   'polypeptide(L)'
_entity_poly.pdbx_seq_one_letter_code
;KKLKLAPAKLALLWKALALKLKKA
;
_entity_poly.pdbx_strand_id   X
#
# COMPACT_ATOMS: atom_id res chain seq x y z
N LYS A 1 -27.01 10.49 4.99
CA LYS A 1 -26.00 9.62 4.37
C LYS A 1 -24.97 10.45 3.60
N LYS A 2 -23.76 10.48 4.11
CA LYS A 2 -22.66 11.17 3.45
C LYS A 2 -21.34 10.47 3.77
N LEU A 3 -20.87 9.67 2.83
CA LEU A 3 -19.67 8.86 3.02
C LEU A 3 -18.41 9.69 2.81
N LYS A 4 -17.57 9.70 3.81
CA LYS A 4 -16.30 10.38 3.75
C LYS A 4 -15.17 9.36 3.54
N LEU A 5 -15.56 8.17 3.10
CA LEU A 5 -14.62 7.08 2.92
C LEU A 5 -13.70 7.33 1.73
N ALA A 6 -12.45 7.63 2.04
CA ALA A 6 -11.42 7.82 1.01
C ALA A 6 -10.30 6.80 1.19
N PRO A 7 -10.51 5.55 0.72
CA PRO A 7 -9.54 4.47 0.90
C PRO A 7 -8.22 4.73 0.19
N ALA A 8 -8.26 5.48 -0.90
CA ALA A 8 -7.07 5.76 -1.70
C ALA A 8 -6.13 6.72 -0.96
N LYS A 9 -6.64 7.35 0.09
CA LYS A 9 -5.85 8.31 0.85
C LYS A 9 -5.24 7.67 2.09
N LEU A 10 -5.65 6.45 2.41
CA LEU A 10 -5.23 5.82 3.66
C LEU A 10 -4.76 4.38 3.45
N ALA A 11 -5.47 3.63 2.63
CA ALA A 11 -5.27 2.19 2.53
C ALA A 11 -4.38 1.79 1.35
N LEU A 12 -3.81 2.76 0.66
CA LEU A 12 -2.89 2.45 -0.43
C LEU A 12 -1.50 2.12 0.11
N LEU A 13 -1.41 0.96 0.76
CA LEU A 13 -0.17 0.50 1.34
C LEU A 13 0.60 -0.36 0.35
N TRP A 14 -0.01 -0.59 -0.82
CA TRP A 14 0.60 -1.35 -1.92
C TRP A 14 0.67 -2.85 -1.63
N LYS A 15 0.66 -3.21 -0.36
CA LYS A 15 0.59 -4.61 0.04
C LYS A 15 -0.66 -5.25 -0.53
N ALA A 16 -0.55 -6.52 -0.94
CA ALA A 16 -1.62 -7.24 -1.62
C ALA A 16 -1.82 -6.72 -3.04
N LEU A 17 -1.95 -5.40 -3.17
CA LEU A 17 -2.15 -4.75 -4.46
C LEU A 17 -1.01 -5.07 -5.42
N ALA A 18 0.19 -4.64 -5.08
CA ALA A 18 1.36 -4.82 -5.95
C ALA A 18 1.69 -6.30 -6.11
N LEU A 19 1.22 -7.11 -5.18
CA LEU A 19 1.42 -8.55 -5.25
C LEU A 19 0.51 -9.15 -6.31
N LYS A 20 -0.78 -8.84 -6.24
CA LYS A 20 -1.74 -9.37 -7.20
C LYS A 20 -1.57 -8.72 -8.57
N LEU A 21 -0.95 -7.55 -8.59
CA LEU A 21 -0.62 -6.90 -9.86
C LEU A 21 0.51 -7.67 -10.55
N LYS A 22 1.24 -8.47 -9.77
CA LYS A 22 2.23 -9.38 -10.31
C LYS A 22 1.66 -10.79 -10.35
N LYS A 23 0.38 -10.88 -9.98
CA LYS A 23 -0.34 -12.15 -9.89
C LYS A 23 0.31 -13.09 -8.88
N ALA A 24 0.66 -12.54 -7.73
CA ALA A 24 1.21 -13.33 -6.64
C ALA A 24 0.10 -13.69 -5.64
N LYS A 1 12.21 15.85 5.68
CA LYS A 1 12.50 16.54 4.41
C LYS A 1 12.24 15.62 3.23
N LYS A 2 11.03 15.73 2.66
CA LYS A 2 10.60 14.90 1.55
C LYS A 2 10.65 13.42 1.91
N LEU A 3 10.04 13.09 3.04
CA LEU A 3 10.01 11.72 3.54
C LEU A 3 8.95 10.89 2.81
N LYS A 4 9.11 10.79 1.49
CA LYS A 4 8.26 9.93 0.68
C LYS A 4 8.90 8.56 0.55
N LEU A 5 10.19 8.51 0.84
CA LEU A 5 10.96 7.29 0.70
C LEU A 5 10.92 6.48 1.99
N ALA A 6 9.73 6.31 2.53
CA ALA A 6 9.54 5.52 3.74
C ALA A 6 8.39 4.54 3.56
N PRO A 7 8.63 3.44 2.81
CA PRO A 7 7.59 2.48 2.45
C PRO A 7 6.95 1.82 3.65
N ALA A 8 7.73 1.68 4.73
CA ALA A 8 7.28 1.02 5.95
C ALA A 8 6.06 1.70 6.57
N LYS A 9 5.93 3.00 6.35
CA LYS A 9 4.81 3.76 6.91
C LYS A 9 4.22 4.72 5.89
N LEU A 10 4.18 4.28 4.64
CA LEU A 10 3.55 5.06 3.57
C LEU A 10 2.94 4.11 2.54
N ALA A 11 3.79 3.32 1.91
CA ALA A 11 3.34 2.30 0.97
C ALA A 11 3.11 0.98 1.71
N LEU A 12 2.49 1.08 2.88
CA LEU A 12 2.32 -0.05 3.76
C LEU A 12 1.33 -1.06 3.19
N LEU A 13 0.13 -0.60 2.91
CA LEU A 13 -0.94 -1.48 2.46
C LEU A 13 -0.91 -1.66 0.95
N TRP A 14 0.01 -0.95 0.29
CA TRP A 14 0.13 -0.99 -1.16
C TRP A 14 0.60 -2.36 -1.64
N LYS A 15 1.10 -3.18 -0.71
CA LYS A 15 1.55 -4.53 -1.03
C LYS A 15 0.44 -5.32 -1.71
N ALA A 16 -0.77 -5.19 -1.20
CA ALA A 16 -1.92 -5.92 -1.73
C ALA A 16 -2.17 -5.56 -3.20
N LEU A 17 -1.97 -4.30 -3.52
CA LEU A 17 -2.21 -3.81 -4.88
C LEU A 17 -1.12 -4.31 -5.82
N ALA A 18 0.13 -4.08 -5.45
CA ALA A 18 1.27 -4.42 -6.30
C ALA A 18 1.42 -5.94 -6.45
N LEU A 19 0.99 -6.67 -5.44
CA LEU A 19 1.10 -8.13 -5.44
C LEU A 19 0.20 -8.75 -6.50
N LYS A 20 -1.03 -8.26 -6.61
CA LYS A 20 -2.03 -8.90 -7.45
C LYS A 20 -1.77 -8.65 -8.94
N LEU A 21 -0.83 -7.77 -9.25
CA LEU A 21 -0.40 -7.58 -10.63
C LEU A 21 0.68 -8.61 -11.00
N LYS A 22 1.35 -9.12 -9.97
CA LYS A 22 2.35 -10.16 -10.17
C LYS A 22 1.71 -11.52 -10.00
N LYS A 23 0.71 -11.57 -9.11
CA LYS A 23 -0.07 -12.78 -8.80
C LYS A 23 0.74 -13.78 -7.98
N ALA A 24 2.04 -13.61 -7.93
CA ALA A 24 2.91 -14.50 -7.20
C ALA A 24 4.15 -13.75 -6.71
N LYS A 1 6.06 20.81 14.33
CA LYS A 1 5.15 19.93 13.58
C LYS A 1 5.68 18.49 13.60
N LYS A 2 5.11 17.69 14.49
CA LYS A 2 5.54 16.30 14.64
C LYS A 2 4.70 15.37 13.76
N LEU A 3 3.64 15.91 13.20
CA LEU A 3 2.75 15.12 12.36
C LEU A 3 3.29 15.05 10.93
N LYS A 4 4.38 14.32 10.75
CA LYS A 4 4.97 14.13 9.44
C LYS A 4 5.33 12.66 9.23
N LEU A 5 4.87 11.81 10.13
CA LEU A 5 5.20 10.39 10.09
C LEU A 5 3.94 9.54 10.15
N ALA A 6 3.46 9.11 8.99
CA ALA A 6 2.28 8.26 8.92
C ALA A 6 2.40 7.28 7.74
N PRO A 7 3.29 6.28 7.86
CA PRO A 7 3.54 5.31 6.78
C PRO A 7 2.33 4.43 6.51
N ALA A 8 1.50 4.24 7.54
CA ALA A 8 0.32 3.39 7.42
C ALA A 8 -0.75 4.06 6.54
N LYS A 9 -0.59 5.34 6.31
CA LYS A 9 -1.53 6.07 5.47
C LYS A 9 -1.00 6.21 4.06
N LEU A 10 0.18 5.63 3.81
CA LEU A 10 0.83 5.76 2.51
C LEU A 10 1.25 4.40 1.95
N ALA A 11 2.29 3.82 2.52
CA ALA A 11 2.90 2.62 1.96
C ALA A 11 2.20 1.34 2.42
N LEU A 12 1.12 1.49 3.16
CA LEU A 12 0.36 0.34 3.63
C LEU A 12 -0.47 -0.24 2.47
N LEU A 13 -0.96 0.64 1.61
CA LEU A 13 -1.76 0.23 0.47
C LEU A 13 -0.86 -0.06 -0.73
N TRP A 14 0.02 -1.02 -0.56
CA TRP A 14 0.96 -1.38 -1.61
C TRP A 14 1.17 -2.89 -1.65
N LYS A 15 1.27 -3.50 -0.47
CA LYS A 15 1.55 -4.92 -0.34
C LYS A 15 0.53 -5.77 -1.09
N ALA A 16 -0.73 -5.64 -0.71
CA ALA A 16 -1.80 -6.43 -1.32
C ALA A 16 -2.05 -5.97 -2.76
N LEU A 17 -1.64 -4.76 -3.07
CA LEU A 17 -1.81 -4.21 -4.40
C LEU A 17 -0.86 -4.89 -5.38
N ALA A 18 0.43 -4.80 -5.11
CA ALA A 18 1.45 -5.37 -5.99
C ALA A 18 1.37 -6.89 -6.00
N LEU A 19 0.88 -7.46 -4.91
CA LEU A 19 0.77 -8.91 -4.76
C LEU A 19 -0.05 -9.51 -5.90
N LYS A 20 -1.20 -8.91 -6.19
CA LYS A 20 -2.06 -9.39 -7.26
C LYS A 20 -1.80 -8.64 -8.56
N LEU A 21 -0.96 -7.60 -8.48
CA LEU A 21 -0.61 -6.83 -9.66
C LEU A 21 0.44 -7.59 -10.47
N LYS A 22 1.31 -8.31 -9.78
CA LYS A 22 2.29 -9.17 -10.44
C LYS A 22 1.71 -10.57 -10.62
N LYS A 23 0.70 -10.86 -9.78
CA LYS A 23 -0.08 -12.11 -9.82
C LYS A 23 0.83 -13.34 -9.75
N ALA A 24 1.84 -13.27 -8.91
CA ALA A 24 2.77 -14.38 -8.75
C ALA A 24 2.69 -14.94 -7.34
N LYS A 1 2.87 15.38 21.61
CA LYS A 1 2.23 14.54 20.58
C LYS A 1 1.95 15.36 19.32
N LYS A 2 3.01 15.74 18.61
CA LYS A 2 2.86 16.52 17.39
C LYS A 2 3.70 15.88 16.28
N LEU A 3 3.50 14.58 16.07
CA LEU A 3 4.21 13.86 15.04
C LEU A 3 3.34 13.67 13.81
N LYS A 4 3.76 14.24 12.69
CA LYS A 4 3.05 14.07 11.43
C LYS A 4 3.60 12.85 10.70
N LEU A 5 4.90 12.62 10.88
CA LEU A 5 5.57 11.50 10.24
C LEU A 5 5.53 10.27 11.12
N ALA A 6 4.36 9.68 11.24
CA ALA A 6 4.19 8.46 12.02
C ALA A 6 3.38 7.44 11.22
N PRO A 7 4.02 6.80 10.23
CA PRO A 7 3.37 5.81 9.36
C PRO A 7 3.24 4.46 10.06
N ALA A 8 2.51 4.45 11.16
CA ALA A 8 2.33 3.24 11.96
C ALA A 8 1.51 2.19 11.21
N LYS A 9 0.78 2.62 10.19
CA LYS A 9 -0.02 1.71 9.38
C LYS A 9 0.04 2.08 7.91
N LEU A 10 0.07 3.38 7.63
CA LEU A 10 0.02 3.87 6.26
C LEU A 10 1.42 4.00 5.66
N ALA A 11 2.36 3.20 6.16
CA ALA A 11 3.72 3.21 5.64
C ALA A 11 3.76 2.55 4.26
N LEU A 12 3.32 1.30 4.20
CA LEU A 12 3.28 0.57 2.95
C LEU A 12 1.91 -0.07 2.73
N LEU A 13 1.03 0.68 2.09
CA LEU A 13 -0.31 0.18 1.79
C LEU A 13 -0.32 -0.48 0.42
N TRP A 14 0.75 -0.27 -0.34
CA TRP A 14 0.82 -0.73 -1.72
C TRP A 14 1.38 -2.15 -1.80
N LYS A 15 0.95 -2.99 -0.88
CA LYS A 15 1.34 -4.39 -0.88
C LYS A 15 0.12 -5.26 -1.20
N ALA A 16 -1.04 -4.80 -0.76
CA ALA A 16 -2.28 -5.56 -0.93
C ALA A 16 -2.63 -5.72 -2.40
N LEU A 17 -2.52 -4.64 -3.17
CA LEU A 17 -2.87 -4.66 -4.59
C LEU A 17 -1.70 -5.14 -5.44
N ALA A 18 -0.53 -5.28 -4.82
CA ALA A 18 0.67 -5.60 -5.56
C ALA A 18 0.79 -7.09 -5.84
N LEU A 19 0.24 -7.90 -4.92
CA LEU A 19 0.35 -9.35 -5.00
C LEU A 19 -0.20 -9.86 -6.34
N LYS A 20 -1.49 -9.71 -6.56
CA LYS A 20 -2.12 -10.21 -7.77
C LYS A 20 -2.03 -9.15 -8.88
N LEU A 21 -0.96 -8.39 -8.85
CA LEU A 21 -0.66 -7.45 -9.91
C LEU A 21 0.58 -7.92 -10.64
N LYS A 22 1.62 -8.21 -9.88
CA LYS A 22 2.84 -8.76 -10.43
C LYS A 22 2.70 -10.27 -10.60
N LYS A 23 1.95 -10.88 -9.71
CA LYS A 23 1.71 -12.31 -9.75
C LYS A 23 0.29 -12.58 -10.23
N ALA A 24 0.03 -12.27 -11.49
CA ALA A 24 -1.27 -12.47 -12.09
C ALA A 24 -1.12 -12.85 -13.55
N LYS A 1 -5.60 17.03 -8.88
CA LYS A 1 -7.05 17.25 -9.01
C LYS A 1 -7.69 17.23 -7.62
N LYS A 2 -8.98 16.95 -7.53
CA LYS A 2 -9.66 16.94 -6.26
C LYS A 2 -9.20 15.77 -5.39
N LEU A 3 -9.80 15.69 -4.23
CA LEU A 3 -9.37 14.77 -3.19
C LEU A 3 -10.09 13.44 -3.28
N LYS A 4 -9.43 12.45 -3.85
CA LYS A 4 -9.97 11.10 -3.94
C LYS A 4 -8.83 10.09 -4.05
N LEU A 5 -7.66 10.46 -3.57
CA LEU A 5 -6.50 9.58 -3.65
C LEU A 5 -5.52 9.88 -2.53
N ALA A 6 -5.41 8.95 -1.59
CA ALA A 6 -4.44 9.04 -0.52
C ALA A 6 -3.67 7.74 -0.39
N PRO A 7 -2.56 7.59 -1.14
CA PRO A 7 -1.80 6.34 -1.20
C PRO A 7 -1.21 5.94 0.15
N ALA A 8 -0.84 6.93 0.95
CA ALA A 8 -0.19 6.69 2.23
C ALA A 8 -1.21 6.33 3.32
N LYS A 9 -2.38 5.86 2.92
CA LYS A 9 -3.40 5.44 3.87
C LYS A 9 -4.28 4.36 3.25
N LEU A 10 -4.70 4.58 2.01
CA LEU A 10 -5.54 3.62 1.30
C LEU A 10 -4.77 2.34 1.01
N ALA A 11 -3.61 2.48 0.39
CA ALA A 11 -2.80 1.34 0.03
C ALA A 11 -1.37 1.50 0.52
N LEU A 12 -1.22 1.35 1.84
CA LEU A 12 0.01 1.68 2.57
C LEU A 12 1.28 1.25 1.84
N LEU A 13 1.35 -0.03 1.52
CA LEU A 13 2.49 -0.58 0.78
C LEU A 13 1.98 -1.32 -0.45
N TRP A 14 0.74 -1.03 -0.83
CA TRP A 14 0.08 -1.67 -1.97
C TRP A 14 0.15 -3.19 -1.87
N LYS A 15 0.10 -3.71 -0.65
CA LYS A 15 0.28 -5.15 -0.44
C LYS A 15 -0.86 -5.96 -1.04
N ALA A 16 -2.04 -5.37 -1.11
CA ALA A 16 -3.19 -6.06 -1.68
C ALA A 16 -3.36 -5.72 -3.15
N LEU A 17 -2.51 -4.82 -3.64
CA LEU A 17 -2.60 -4.36 -5.02
C LEU A 17 -1.40 -4.83 -5.82
N ALA A 18 -0.22 -4.45 -5.39
CA ALA A 18 1.00 -4.70 -6.14
C ALA A 18 1.54 -6.11 -5.89
N LEU A 19 0.70 -6.96 -5.30
CA LEU A 19 1.05 -8.35 -5.12
C LEU A 19 0.20 -9.22 -6.03
N LYS A 20 -1.12 -9.09 -5.89
CA LYS A 20 -2.05 -9.86 -6.69
C LYS A 20 -2.03 -9.39 -8.14
N LEU A 21 -1.79 -8.10 -8.35
CA LEU A 21 -1.76 -7.54 -9.69
C LEU A 21 -0.32 -7.50 -10.22
N LYS A 22 0.55 -8.29 -9.61
CA LYS A 22 1.95 -8.37 -10.05
C LYS A 22 2.36 -9.84 -10.20
N LYS A 23 1.78 -10.69 -9.35
CA LYS A 23 2.04 -12.13 -9.34
C LYS A 23 3.41 -12.45 -8.72
N ALA A 24 4.46 -11.86 -9.30
CA ALA A 24 5.83 -12.01 -8.80
C ALA A 24 6.30 -13.46 -8.88
N LYS A 1 -1.62 24.11 5.64
CA LYS A 1 -2.36 24.69 4.50
C LYS A 1 -2.81 23.60 3.55
N LYS A 2 -3.87 22.89 3.93
CA LYS A 2 -4.39 21.76 3.15
C LYS A 2 -3.31 20.70 2.95
N LEU A 3 -2.56 20.46 4.02
CA LEU A 3 -1.45 19.52 3.99
C LEU A 3 -1.95 18.12 4.32
N LYS A 4 -1.89 17.25 3.33
CA LYS A 4 -2.33 15.86 3.49
C LYS A 4 -1.11 14.95 3.64
N LEU A 5 -0.11 15.43 4.36
CA LEU A 5 1.15 14.71 4.51
C LEU A 5 1.09 13.78 5.71
N ALA A 6 0.41 12.66 5.53
CA ALA A 6 0.34 11.62 6.55
C ALA A 6 0.16 10.26 5.90
N PRO A 7 1.13 9.83 5.07
CA PRO A 7 1.02 8.61 4.27
C PRO A 7 0.92 7.35 5.12
N ALA A 8 1.50 7.41 6.32
CA ALA A 8 1.56 6.28 7.23
C ALA A 8 0.16 5.79 7.62
N LYS A 9 -0.82 6.67 7.51
CA LYS A 9 -2.19 6.31 7.81
C LYS A 9 -3.13 6.77 6.70
N LEU A 10 -2.61 6.79 5.47
CA LEU A 10 -3.38 7.23 4.32
C LEU A 10 -3.18 6.26 3.16
N ALA A 11 -1.94 5.90 2.90
CA ALA A 11 -1.61 4.99 1.82
C ALA A 11 -0.40 4.15 2.20
N LEU A 12 -0.58 3.27 3.17
CA LEU A 12 0.50 2.42 3.64
C LEU A 12 0.26 0.97 3.23
N LEU A 13 -0.78 0.74 2.45
CA LEU A 13 -1.15 -0.61 2.05
C LEU A 13 -1.02 -0.79 0.55
N TRP A 14 0.21 -0.82 0.07
CA TRP A 14 0.47 -1.12 -1.33
C TRP A 14 0.93 -2.57 -1.46
N LYS A 15 1.30 -3.15 -0.32
CA LYS A 15 1.72 -4.54 -0.26
C LYS A 15 0.52 -5.49 -0.36
N ALA A 16 -0.32 -5.22 -1.35
CA ALA A 16 -1.49 -6.03 -1.64
C ALA A 16 -1.87 -5.84 -3.11
N LEU A 17 -1.97 -4.58 -3.53
CA LEU A 17 -2.28 -4.25 -4.91
C LEU A 17 -1.15 -4.70 -5.83
N ALA A 18 0.08 -4.52 -5.38
CA ALA A 18 1.25 -4.87 -6.17
C ALA A 18 1.43 -6.39 -6.26
N LEU A 19 0.76 -7.11 -5.36
CA LEU A 19 0.82 -8.57 -5.37
C LEU A 19 -0.06 -9.13 -6.48
N LYS A 20 -1.30 -8.64 -6.53
CA LYS A 20 -2.25 -9.11 -7.53
C LYS A 20 -1.83 -8.68 -8.93
N LEU A 21 -0.97 -7.67 -9.00
CA LEU A 21 -0.50 -7.15 -10.28
C LEU A 21 0.65 -8.00 -10.82
N LYS A 22 1.14 -8.93 -10.00
CA LYS A 22 2.28 -9.75 -10.39
C LYS A 22 1.94 -11.24 -10.34
N LYS A 23 1.32 -11.68 -9.25
CA LYS A 23 1.02 -13.09 -9.09
C LYS A 23 -0.45 -13.37 -9.37
N ALA A 24 -0.72 -14.37 -10.19
CA ALA A 24 -2.08 -14.78 -10.48
C ALA A 24 -2.26 -16.25 -10.13
N LYS A 1 -11.09 20.51 15.31
CA LYS A 1 -10.28 19.79 16.33
C LYS A 1 -10.03 18.36 15.90
N LYS A 2 -9.17 17.67 16.65
CA LYS A 2 -8.92 16.24 16.44
C LYS A 2 -8.28 15.97 15.08
N LEU A 3 -7.34 16.85 14.70
CA LEU A 3 -6.60 16.67 13.46
C LEU A 3 -5.49 15.63 13.66
N LYS A 4 -5.91 14.37 13.75
CA LYS A 4 -5.01 13.25 13.95
C LYS A 4 -5.23 12.19 12.87
N LEU A 5 -6.15 12.49 11.96
CA LEU A 5 -6.54 11.55 10.93
C LEU A 5 -5.80 11.83 9.63
N ALA A 6 -4.49 11.61 9.65
CA ALA A 6 -3.65 11.83 8.47
C ALA A 6 -3.62 10.59 7.59
N PRO A 7 -4.33 10.64 6.44
CA PRO A 7 -4.44 9.50 5.52
C PRO A 7 -3.11 9.14 4.88
N ALA A 8 -2.21 10.11 4.80
CA ALA A 8 -0.91 9.91 4.16
C ALA A 8 -0.08 8.85 4.88
N LYS A 9 -0.27 8.74 6.18
CA LYS A 9 0.49 7.78 6.97
C LYS A 9 -0.18 6.40 6.96
N LEU A 10 -1.44 6.37 6.54
CA LEU A 10 -2.18 5.11 6.50
C LEU A 10 -2.24 4.55 5.08
N ALA A 11 -1.94 5.40 4.11
CA ALA A 11 -1.91 4.99 2.71
C ALA A 11 -0.61 4.25 2.38
N LEU A 12 -0.46 3.08 3.00
CA LEU A 12 0.70 2.23 2.75
C LEU A 12 0.25 0.84 2.36
N LEU A 13 -0.89 0.76 1.68
CA LEU A 13 -1.46 -0.52 1.28
C LEU A 13 -0.85 -0.96 -0.04
N TRP A 14 0.46 -1.11 -0.05
CA TRP A 14 1.19 -1.47 -1.26
C TRP A 14 1.34 -2.99 -1.34
N LYS A 15 1.45 -3.65 -0.20
CA LYS A 15 1.61 -5.10 -0.15
C LYS A 15 0.27 -5.81 -0.34
N ALA A 16 -0.41 -5.42 -1.40
CA ALA A 16 -1.68 -6.02 -1.78
C ALA A 16 -1.88 -5.85 -3.27
N LEU A 17 -1.95 -4.58 -3.70
CA LEU A 17 -2.12 -4.25 -5.11
C LEU A 17 -0.99 -4.84 -5.95
N ALA A 18 0.24 -4.72 -5.46
CA ALA A 18 1.40 -5.24 -6.16
C ALA A 18 1.30 -6.76 -6.32
N LEU A 19 0.86 -7.42 -5.25
CA LEU A 19 0.77 -8.87 -5.23
C LEU A 19 -0.40 -9.36 -6.08
N LYS A 20 -1.29 -8.45 -6.45
CA LYS A 20 -2.42 -8.78 -7.30
C LYS A 20 -2.03 -8.64 -8.77
N LEU A 21 -1.43 -7.49 -9.09
CA LEU A 21 -1.06 -7.19 -10.46
C LEU A 21 0.06 -8.09 -10.96
N LYS A 22 1.04 -8.35 -10.12
CA LYS A 22 2.16 -9.21 -10.50
C LYS A 22 1.85 -10.66 -10.15
N LYS A 23 0.98 -10.85 -9.16
CA LYS A 23 0.61 -12.17 -8.64
C LYS A 23 1.74 -12.77 -7.82
N ALA A 24 2.93 -12.83 -8.39
CA ALA A 24 4.10 -13.40 -7.72
C ALA A 24 4.73 -12.40 -6.77
N LYS A 1 19.67 -6.58 -3.12
CA LYS A 1 20.54 -7.70 -2.69
C LYS A 1 20.07 -8.24 -1.34
N LYS A 2 20.14 -7.41 -0.30
CA LYS A 2 19.67 -7.80 1.02
C LYS A 2 18.72 -6.76 1.61
N LEU A 3 17.46 -7.14 1.68
CA LEU A 3 16.43 -6.35 2.38
C LEU A 3 16.25 -4.98 1.74
N LYS A 4 15.97 -4.95 0.44
CA LYS A 4 15.67 -3.70 -0.25
C LYS A 4 14.26 -3.76 -0.82
N LEU A 5 13.70 -4.96 -0.87
CA LEU A 5 12.32 -5.15 -1.29
C LEU A 5 11.40 -5.18 -0.09
N ALA A 6 11.76 -4.41 0.93
CA ALA A 6 10.98 -4.31 2.15
C ALA A 6 10.48 -2.88 2.34
N PRO A 7 9.43 -2.49 1.59
CA PRO A 7 8.89 -1.15 1.62
C PRO A 7 7.72 -1.02 2.59
N ALA A 8 7.95 -1.42 3.83
CA ALA A 8 6.90 -1.37 4.84
C ALA A 8 6.47 0.08 5.11
N LYS A 9 7.41 1.00 5.00
CA LYS A 9 7.13 2.42 5.20
C LYS A 9 6.78 3.11 3.89
N LEU A 10 6.75 2.35 2.80
CA LEU A 10 6.56 2.91 1.48
C LEU A 10 5.30 2.38 0.82
N ALA A 11 5.27 1.07 0.61
CA ALA A 11 4.18 0.43 -0.10
C ALA A 11 3.49 -0.59 0.79
N LEU A 12 3.05 -0.14 1.95
CA LEU A 12 2.36 -1.01 2.90
C LEU A 12 0.93 -1.25 2.44
N LEU A 13 0.35 -0.24 1.80
CA LEU A 13 -0.99 -0.35 1.26
C LEU A 13 -0.93 -0.93 -0.16
N TRP A 14 0.16 -0.64 -0.84
CA TRP A 14 0.35 -1.13 -2.21
C TRP A 14 0.78 -2.59 -2.19
N LYS A 15 0.96 -3.13 -1.00
CA LYS A 15 1.30 -4.53 -0.81
C LYS A 15 0.22 -5.43 -1.40
N ALA A 16 -1.03 -5.03 -1.23
CA ALA A 16 -2.16 -5.78 -1.77
C ALA A 16 -2.13 -5.81 -3.28
N LEU A 17 -1.65 -4.72 -3.87
CA LEU A 17 -1.54 -4.61 -5.32
C LEU A 17 -0.35 -5.42 -5.83
N ALA A 18 0.74 -5.37 -5.08
CA ALA A 18 1.95 -6.09 -5.44
C ALA A 18 1.70 -7.60 -5.48
N LEU A 19 0.88 -8.08 -4.56
CA LEU A 19 0.63 -9.51 -4.45
C LEU A 19 -0.61 -9.93 -5.26
N LYS A 20 -1.08 -9.05 -6.13
CA LYS A 20 -2.27 -9.35 -6.92
C LYS A 20 -2.08 -8.93 -8.38
N LEU A 21 -1.62 -7.71 -8.59
CA LEU A 21 -1.43 -7.21 -9.94
C LEU A 21 -0.07 -7.62 -10.47
N LYS A 22 0.91 -7.75 -9.58
CA LYS A 22 2.24 -8.19 -9.97
C LYS A 22 2.34 -9.72 -9.87
N LYS A 23 1.34 -10.31 -9.23
CA LYS A 23 1.26 -11.75 -9.12
C LYS A 23 0.29 -12.30 -10.16
N ALA A 24 0.76 -13.27 -10.94
CA ALA A 24 -0.10 -13.92 -11.91
C ALA A 24 -1.02 -14.91 -11.20
N LYS A 1 -0.18 4.87 24.30
CA LYS A 1 -1.43 5.45 24.83
C LYS A 1 -2.00 6.49 23.88
N LYS A 2 -1.21 6.87 22.88
CA LYS A 2 -1.60 7.94 21.97
C LYS A 2 -2.06 7.39 20.63
N LEU A 3 -2.08 6.07 20.50
CA LEU A 3 -2.45 5.46 19.24
C LEU A 3 -3.63 4.50 19.42
N LYS A 4 -4.77 4.89 18.87
CA LYS A 4 -5.93 4.01 18.84
C LYS A 4 -6.44 3.88 17.41
N LEU A 5 -5.57 4.20 16.47
CA LEU A 5 -5.87 4.09 15.06
C LEU A 5 -5.03 3.00 14.45
N ALA A 6 -5.69 2.06 13.80
CA ALA A 6 -5.00 0.94 13.16
C ALA A 6 -5.10 1.04 11.65
N PRO A 7 -4.09 1.65 11.00
CA PRO A 7 -4.06 1.81 9.56
C PRO A 7 -3.28 0.70 8.86
N ALA A 8 -3.28 -0.48 9.46
CA ALA A 8 -2.50 -1.61 8.94
C ALA A 8 -2.90 -1.95 7.51
N LYS A 9 -4.20 -2.11 7.28
CA LYS A 9 -4.71 -2.46 5.97
C LYS A 9 -4.93 -1.22 5.10
N LEU A 10 -4.50 -0.07 5.60
CA LEU A 10 -4.70 1.19 4.89
C LEU A 10 -3.37 1.72 4.35
N ALA A 11 -2.34 1.70 5.19
CA ALA A 11 -1.04 2.24 4.84
C ALA A 11 -0.25 1.26 4.00
N LEU A 12 -0.40 -0.02 4.29
CA LEU A 12 0.35 -1.06 3.60
C LEU A 12 -0.39 -1.52 2.33
N LEU A 13 -0.79 -0.55 1.51
CA LEU A 13 -1.56 -0.84 0.31
C LEU A 13 -0.70 -1.52 -0.74
N TRP A 14 0.60 -1.28 -0.69
CA TRP A 14 1.53 -1.82 -1.68
C TRP A 14 1.48 -3.34 -1.73
N LYS A 15 1.44 -3.97 -0.55
CA LYS A 15 1.45 -5.42 -0.48
C LYS A 15 0.12 -6.00 -0.94
N ALA A 16 -0.92 -5.20 -0.89
CA ALA A 16 -2.24 -5.63 -1.31
C ALA A 16 -2.39 -5.49 -2.82
N LEU A 17 -1.93 -4.36 -3.35
CA LEU A 17 -2.13 -4.04 -4.76
C LEU A 17 -1.09 -4.73 -5.66
N ALA A 18 0.18 -4.52 -5.34
CA ALA A 18 1.27 -4.98 -6.20
C ALA A 18 1.30 -6.50 -6.31
N LEU A 19 1.04 -7.18 -5.21
CA LEU A 19 1.09 -8.63 -5.17
C LEU A 19 -0.10 -9.24 -5.89
N LYS A 20 -1.09 -8.41 -6.23
CA LYS A 20 -2.21 -8.88 -7.03
C LYS A 20 -2.01 -8.51 -8.49
N LEU A 21 -1.30 -7.41 -8.71
CA LEU A 21 -0.94 -7.00 -10.06
C LEU A 21 0.00 -8.02 -10.69
N LYS A 22 1.15 -8.22 -10.06
CA LYS A 22 2.14 -9.15 -10.58
C LYS A 22 1.82 -10.57 -10.14
N LYS A 23 0.98 -10.69 -9.11
CA LYS A 23 0.56 -11.99 -8.57
C LYS A 23 1.74 -12.74 -7.95
N ALA A 24 2.80 -12.00 -7.64
CA ALA A 24 4.01 -12.54 -7.04
C ALA A 24 4.63 -13.61 -7.93
N LYS A 1 8.35 2.39 9.65
CA LYS A 1 8.10 3.21 8.46
C LYS A 1 6.67 3.06 7.97
N LYS A 2 5.81 3.96 8.41
CA LYS A 2 4.40 3.95 8.02
C LYS A 2 3.92 5.35 7.66
N LEU A 3 4.87 6.26 7.43
CA LEU A 3 4.53 7.63 7.11
C LEU A 3 5.20 8.08 5.82
N LYS A 4 4.43 8.09 4.74
CA LYS A 4 4.92 8.57 3.45
C LYS A 4 4.03 9.71 2.95
N LEU A 5 3.41 10.42 3.90
CA LEU A 5 2.45 11.48 3.60
C LEU A 5 1.20 10.90 2.93
N ALA A 6 0.13 10.80 3.70
CA ALA A 6 -1.12 10.19 3.24
C ALA A 6 -0.91 8.74 2.81
N PRO A 7 -0.47 7.87 3.74
CA PRO A 7 -0.15 6.48 3.42
C PRO A 7 -1.39 5.67 3.09
N ALA A 8 -2.52 6.05 3.69
CA ALA A 8 -3.78 5.36 3.46
C ALA A 8 -4.48 5.93 2.22
N LYS A 9 -3.87 6.94 1.63
CA LYS A 9 -4.43 7.60 0.46
C LYS A 9 -3.62 7.30 -0.79
N LEU A 10 -2.32 7.55 -0.73
CA LEU A 10 -1.44 7.35 -1.87
C LEU A 10 -1.07 5.89 -2.04
N ALA A 11 -0.43 5.33 -1.02
CA ALA A 11 -0.01 3.93 -1.06
C ALA A 11 -1.22 3.01 -1.00
N LEU A 12 -2.03 3.17 0.05
CA LEU A 12 -3.24 2.38 0.24
C LEU A 12 -2.95 0.89 0.16
N LEU A 13 -2.18 0.41 1.15
CA LEU A 13 -1.76 -1.00 1.22
C LEU A 13 -1.09 -1.42 -0.08
N TRP A 14 -0.05 -0.67 -0.46
CA TRP A 14 0.65 -0.88 -1.72
C TRP A 14 1.06 -2.34 -1.92
N LYS A 15 1.60 -2.95 -0.87
CA LYS A 15 2.10 -4.32 -0.96
C LYS A 15 0.98 -5.30 -1.28
N ALA A 16 -0.24 -4.98 -0.89
CA ALA A 16 -1.38 -5.84 -1.15
C ALA A 16 -1.72 -5.82 -2.64
N LEU A 17 -1.77 -4.62 -3.20
CA LEU A 17 -2.02 -4.47 -4.63
C LEU A 17 -0.85 -5.03 -5.43
N ALA A 18 0.36 -4.88 -4.89
CA ALA A 18 1.56 -5.38 -5.51
C ALA A 18 1.56 -6.91 -5.60
N LEU A 19 0.80 -7.55 -4.72
CA LEU A 19 0.66 -9.00 -4.74
C LEU A 19 -0.09 -9.44 -5.99
N LYS A 20 -1.28 -8.88 -6.19
CA LYS A 20 -2.10 -9.26 -7.33
C LYS A 20 -1.58 -8.62 -8.61
N LEU A 21 -0.69 -7.65 -8.47
CA LEU A 21 -0.03 -7.04 -9.61
C LEU A 21 0.91 -8.05 -10.26
N LYS A 22 1.70 -8.73 -9.42
CA LYS A 22 2.57 -9.80 -9.89
C LYS A 22 1.74 -10.98 -10.38
N LYS A 23 0.58 -11.14 -9.78
CA LYS A 23 -0.28 -12.28 -10.03
C LYS A 23 -1.21 -12.02 -11.22
N ALA A 24 -0.95 -10.94 -11.94
CA ALA A 24 -1.75 -10.58 -13.09
C ALA A 24 -0.97 -10.82 -14.38
#